data_4FR1
#
_entry.id   4FR1
#
_cell.length_a   84.818
_cell.length_b   64.845
_cell.length_c   71.418
_cell.angle_alpha   90.00
_cell.angle_beta   93.97
_cell.angle_gamma   90.00
#
_symmetry.space_group_name_H-M   'C 1 2 1'
#
loop_
_entity.id
_entity.type
_entity.pdbx_description
1 polymer 'Queuine tRNA-ribosyltransferase'
2 non-polymer 'ZINC ION'
3 non-polymer 6-amino-4-[2-({[trans-4-(biphenyl-4-ylethynyl)cyclohexyl]methyl}amino)ethyl]-2-(methylamino)-1,7-dihydro-8H-imidazo[4,5-g]quinazolin-8-one
4 water water
#
_entity_poly.entity_id   1
_entity_poly.type   'polypeptide(L)'
_entity_poly.pdbx_seq_one_letter_code
;MVEATAQETDRPRFSFSIAAREGKARTGTIEMKRGVIRTPAFMPVGTAATVKALKPETVRATGADIILGNTYHLMLRPGA
ERIAKLGGLHSFMGWDRPILTDSGGYQVMSLSSLTKQSEEGVTFKSHLDGSRHMLSPERSIEIQHLLGSDIVMAFDECTP
YPATPSRAASSMERSMRWAKRSRDAFDSRKEQAENAALFGIQQGSVFENLRQQSADALAEIGFDGYAVGGLAVGEGQDEM
FRVLDFSVPMLPDDKPHYLMGVGKPDDIVGAVERGIDMFDCVLPTRSGRNGQAFTWDGPINIRNARFSEDLKPLDSECHC
AVCQKWSRAYIHHLIRAGEILGAMLMTEHNIAFYQQLMQKIRDSISEGRFSQFAQDFRARYFARNS
;
_entity_poly.pdbx_strand_id   A
#
loop_
_chem_comp.id
_chem_comp.type
_chem_comp.name
_chem_comp.formula
0V2 non-polymer 6-amino-4-[2-({[trans-4-(biphenyl-4-ylethynyl)cyclohexyl]methyl}amino)ethyl]-2-(methylamino)-1,7-dihydro-8H-imidazo[4,5-g]quinazolin-8-one 'C33 H35 N7 O'
ZN non-polymer 'ZINC ION' 'Zn 2'
#
# COMPACT_ATOMS: atom_id res chain seq x y z
N ARG A 11 4.13 15.15 -17.96
CA ARG A 11 2.92 14.78 -17.24
C ARG A 11 2.51 15.86 -16.24
N PRO A 12 1.26 15.83 -15.80
CA PRO A 12 0.77 16.71 -14.76
C PRO A 12 1.25 16.29 -13.37
N ARG A 13 1.07 17.20 -12.41
CA ARG A 13 1.38 16.85 -11.02
C ARG A 13 0.63 15.58 -10.61
N PHE A 14 -0.67 15.53 -10.91
CA PHE A 14 -1.50 14.40 -10.53
C PHE A 14 -2.75 14.34 -11.41
N SER A 15 -2.94 13.20 -12.03
CA SER A 15 -4.16 12.94 -12.77
C SER A 15 -4.53 11.46 -12.70
N PHE A 16 -5.75 11.18 -12.26
CA PHE A 16 -6.25 9.81 -12.19
C PHE A 16 -7.34 9.61 -13.24
N SER A 17 -7.13 8.64 -14.11
CA SER A 17 -8.13 8.33 -15.12
C SER A 17 -8.49 6.86 -15.04
N ILE A 18 -9.79 6.61 -15.12
CA ILE A 18 -10.32 5.24 -15.06
C ILE A 18 -10.64 4.78 -16.48
N ALA A 19 -9.98 3.71 -16.90
CA ALA A 19 -10.08 3.22 -18.28
C ALA A 19 -11.14 2.14 -18.42
N ALA A 20 -11.36 1.37 -17.35
CA ALA A 20 -12.36 0.29 -17.40
C ALA A 20 -12.88 -0.05 -16.02
N ARG A 21 -14.09 -0.60 -16.01
N ARG A 21 -14.12 -0.54 -15.93
CA ARG A 21 -14.80 -0.97 -14.82
CA ARG A 21 -14.70 -0.91 -14.64
C ARG A 21 -15.45 -2.35 -14.92
C ARG A 21 -15.55 -2.18 -14.81
N GLU A 22 -15.62 -3.03 -13.79
CA GLU A 22 -16.36 -4.27 -13.69
C GLU A 22 -16.91 -4.37 -12.26
N GLY A 23 -18.21 -4.19 -12.07
CA GLY A 23 -18.73 -4.11 -10.70
C GLY A 23 -18.17 -2.84 -10.06
N LYS A 24 -17.65 -3.00 -8.84
CA LYS A 24 -17.00 -1.90 -8.14
C LYS A 24 -15.55 -1.73 -8.51
N ALA A 25 -15.04 -2.72 -9.23
CA ALA A 25 -13.63 -2.77 -9.60
C ALA A 25 -13.32 -1.80 -10.73
N ARG A 26 -12.14 -1.21 -10.65
CA ARG A 26 -11.64 -0.25 -11.61
C ARG A 26 -10.16 -0.51 -11.96
N THR A 27 -9.89 -0.15 -13.20
CA THR A 27 -8.51 -0.15 -13.69
C THR A 27 -8.28 1.12 -14.47
N GLY A 28 -7.09 1.68 -14.35
CA GLY A 28 -6.77 2.99 -14.87
C GLY A 28 -5.32 3.36 -14.58
N THR A 29 -5.06 4.66 -14.62
CA THR A 29 -3.71 5.13 -14.42
C THR A 29 -3.69 6.39 -13.59
N ILE A 30 -2.61 6.54 -12.84
CA ILE A 30 -2.30 7.81 -12.22
C ILE A 30 -1.08 8.37 -12.93
N GLU A 31 -1.21 9.58 -13.49
CA GLU A 31 -0.07 10.26 -14.08
C GLU A 31 0.48 11.26 -13.07
N MET A 32 1.79 11.20 -12.87
CA MET A 32 2.55 12.12 -12.04
C MET A 32 3.81 12.55 -12.79
N LYS A 33 4.48 13.58 -12.27
CA LYS A 33 5.65 14.08 -13.00
C LYS A 33 6.71 13.01 -13.18
N ARG A 34 6.93 12.17 -12.16
CA ARG A 34 7.99 11.18 -12.29
CA ARG A 34 7.98 11.16 -12.26
C ARG A 34 7.55 9.90 -12.98
N GLY A 35 6.26 9.74 -13.29
CA GLY A 35 5.88 8.51 -13.97
C GLY A 35 4.39 8.17 -13.89
N VAL A 36 4.03 7.14 -14.62
CA VAL A 36 2.66 6.61 -14.64
C VAL A 36 2.57 5.38 -13.77
N ILE A 37 1.51 5.36 -12.98
CA ILE A 37 1.18 4.25 -12.11
C ILE A 37 -0.10 3.55 -12.59
N ARG A 38 0.03 2.29 -12.98
CA ARG A 38 -1.12 1.51 -13.42
C ARG A 38 -1.87 0.98 -12.21
N THR A 39 -3.18 1.13 -12.26
CA THR A 39 -3.99 0.70 -11.15
C THR A 39 -4.99 -0.39 -11.53
N PRO A 40 -5.34 -1.31 -10.64
CA PRO A 40 -4.84 -1.49 -9.28
C PRO A 40 -3.32 -1.78 -9.17
N ALA A 41 -2.73 -1.11 -8.21
CA ALA A 41 -1.29 -1.07 -8.04
C ALA A 41 -0.86 -1.74 -6.74
N PHE A 42 0.16 -2.57 -6.78
CA PHE A 42 0.86 -3.01 -5.59
C PHE A 42 2.15 -2.20 -5.45
N MET A 43 2.36 -1.58 -4.30
CA MET A 43 3.49 -0.69 -4.03
C MET A 43 4.46 -1.33 -3.05
N PRO A 44 5.52 -1.93 -3.56
CA PRO A 44 6.39 -2.72 -2.67
C PRO A 44 7.23 -1.78 -1.84
N VAL A 45 7.77 -2.31 -0.74
CA VAL A 45 8.69 -1.42 -0.03
C VAL A 45 9.95 -1.21 -0.87
N GLY A 46 10.44 0.02 -0.71
CA GLY A 46 11.62 0.47 -1.39
C GLY A 46 12.78 -0.50 -1.27
N ALA A 64 7.12 -2.84 -10.58
CA ALA A 64 6.45 -1.79 -9.82
C ALA A 64 6.56 -0.43 -10.49
N ASP A 65 5.50 0.36 -10.35
CA ASP A 65 5.46 1.71 -10.89
C ASP A 65 5.73 2.77 -9.81
N ILE A 66 5.71 2.34 -8.56
CA ILE A 66 5.85 3.21 -7.39
C ILE A 66 6.28 2.34 -6.22
N ILE A 67 7.15 2.85 -5.37
CA ILE A 67 7.58 2.13 -4.18
C ILE A 67 7.33 2.97 -2.93
N LEU A 68 7.37 2.28 -1.79
CA LEU A 68 7.18 2.96 -0.51
C LEU A 68 8.52 3.25 0.17
N GLY A 69 8.68 4.46 0.68
CA GLY A 69 9.77 4.74 1.59
C GLY A 69 9.34 4.55 3.03
N ASN A 70 10.29 4.42 3.95
CA ASN A 70 9.98 4.15 5.35
C ASN A 70 10.22 5.39 6.20
N THR A 71 9.23 6.27 6.17
CA THR A 71 9.27 7.52 6.92
C THR A 71 9.79 7.34 8.35
N TYR A 72 9.22 6.41 9.09
CA TYR A 72 9.55 6.24 10.51
C TYR A 72 11.01 5.88 10.68
N HIS A 73 11.47 4.87 9.95
CA HIS A 73 12.88 4.53 10.00
C HIS A 73 13.74 5.71 9.56
N LEU A 74 13.38 6.38 8.45
CA LEU A 74 14.24 7.37 7.84
C LEU A 74 14.38 8.60 8.72
N MET A 75 13.33 8.90 9.47
CA MET A 75 13.44 10.09 10.32
C MET A 75 14.36 9.80 11.49
N LEU A 76 14.53 8.53 11.81
CA LEU A 76 15.42 8.11 12.90
C LEU A 76 16.84 7.91 12.40
N ARG A 77 17.01 7.28 11.24
CA ARG A 77 18.32 7.07 10.64
C ARG A 77 18.26 7.10 9.12
N PRO A 78 18.95 8.00 8.43
CA PRO A 78 19.90 8.96 8.98
C PRO A 78 19.31 10.29 9.42
N GLY A 79 17.99 10.42 9.30
CA GLY A 79 17.31 11.66 9.60
C GLY A 79 16.82 12.22 8.27
N ALA A 80 15.67 12.89 8.32
CA ALA A 80 15.11 13.50 7.12
C ALA A 80 16.03 14.57 6.54
N GLU A 81 16.61 15.40 7.39
CA GLU A 81 17.51 16.46 6.95
C GLU A 81 18.74 15.88 6.26
N ARG A 82 19.25 14.76 6.78
CA ARG A 82 20.44 14.15 6.20
C ARG A 82 20.09 13.57 4.82
N ILE A 83 18.87 12.98 4.72
CA ILE A 83 18.45 12.54 3.41
C ILE A 83 18.35 13.70 2.43
N ALA A 84 17.84 14.84 2.90
CA ALA A 84 17.70 15.96 1.99
C ALA A 84 19.09 16.45 1.59
N LYS A 85 20.01 16.43 2.53
CA LYS A 85 21.41 16.80 2.29
C LYS A 85 22.01 15.91 1.20
N LEU A 86 21.62 14.64 1.20
CA LEU A 86 22.13 13.67 0.21
C LEU A 86 21.36 13.68 -1.09
N GLY A 87 20.40 14.58 -1.23
CA GLY A 87 19.72 14.75 -2.50
C GLY A 87 18.28 14.30 -2.54
N GLY A 88 17.74 13.85 -1.42
CA GLY A 88 16.38 13.31 -1.35
C GLY A 88 16.34 11.82 -1.57
N LEU A 89 15.21 11.15 -1.34
CA LEU A 89 15.12 9.70 -1.39
C LEU A 89 15.28 9.12 -2.78
N HIS A 90 14.82 9.83 -3.81
CA HIS A 90 15.00 9.30 -5.18
C HIS A 90 16.47 9.07 -5.50
N SER A 91 17.29 10.09 -5.29
CA SER A 91 18.72 9.96 -5.59
C SER A 91 19.39 9.01 -4.60
N PHE A 92 19.00 9.05 -3.34
CA PHE A 92 19.58 8.18 -2.30
C PHE A 92 19.40 6.73 -2.67
N MET A 93 18.15 6.39 -3.01
CA MET A 93 17.97 4.96 -3.27
C MET A 93 18.09 4.62 -4.76
N GLY A 94 18.44 5.60 -5.59
CA GLY A 94 18.56 5.41 -7.03
C GLY A 94 17.24 4.98 -7.67
N TRP A 95 16.13 5.57 -7.25
CA TRP A 95 14.83 5.26 -7.85
C TRP A 95 14.21 6.54 -8.40
N ASP A 96 14.02 6.67 -9.72
CA ASP A 96 13.63 7.98 -10.23
C ASP A 96 12.11 8.06 -10.48
N ARG A 97 11.45 6.97 -10.13
CA ARG A 97 10.01 6.87 -10.34
C ARG A 97 9.25 7.39 -9.13
N PRO A 98 7.92 7.46 -9.14
CA PRO A 98 7.29 7.92 -7.90
C PRO A 98 7.60 7.08 -6.67
N ILE A 99 7.52 7.76 -5.54
CA ILE A 99 7.66 7.25 -4.21
C ILE A 99 6.52 7.77 -3.32
N LEU A 100 5.91 6.82 -2.64
CA LEU A 100 4.92 7.10 -1.61
C LEU A 100 5.53 7.00 -0.23
N THR A 101 5.26 7.93 0.68
CA THR A 101 5.66 7.74 2.06
C THR A 101 4.46 7.81 3.00
N ASP A 102 4.44 6.94 4.01
CA ASP A 102 3.43 7.06 5.06
C ASP A 102 3.84 8.21 5.97
N SER A 103 2.93 8.58 6.82
CA SER A 103 3.03 9.78 7.64
C SER A 103 3.73 9.49 8.97
N GLY A 104 3.93 8.23 9.31
CA GLY A 104 4.81 7.81 10.35
C GLY A 104 4.23 7.42 11.67
N GLY A 105 2.97 7.76 11.93
CA GLY A 105 2.38 7.52 13.23
C GLY A 105 1.94 6.10 13.48
N TYR A 106 1.40 5.44 12.45
CA TYR A 106 1.06 4.03 12.49
C TYR A 106 2.21 3.30 13.18
N GLN A 107 3.34 3.47 12.52
CA GLN A 107 4.62 2.91 12.89
C GLN A 107 5.02 3.35 14.29
N VAL A 108 4.94 4.66 14.54
CA VAL A 108 5.30 5.15 15.88
C VAL A 108 4.41 4.45 16.91
N MET A 109 3.10 4.57 16.75
CA MET A 109 2.18 3.97 17.71
C MET A 109 1.97 2.49 17.42
N GLN A 117 1.04 11.37 23.71
CA GLN A 117 0.00 11.71 22.76
C GLN A 117 -0.90 12.86 23.25
N SER A 118 -1.10 13.85 22.39
CA SER A 118 -1.90 15.04 22.65
C SER A 118 -2.56 15.54 21.36
N GLU A 119 -3.37 16.59 21.42
CA GLU A 119 -3.94 17.15 20.19
C GLU A 119 -2.86 17.66 19.24
N GLU A 120 -1.69 17.99 19.79
CA GLU A 120 -0.56 18.49 19.03
C GLU A 120 0.05 17.44 18.10
N GLY A 121 0.15 16.23 18.62
CA GLY A 121 0.76 15.09 17.97
C GLY A 121 1.29 14.07 18.94
N VAL A 122 2.43 13.46 18.62
CA VAL A 122 2.97 12.41 19.47
C VAL A 122 4.45 12.59 19.72
N THR A 123 4.84 12.28 20.94
CA THR A 123 6.23 12.31 21.37
C THR A 123 6.73 10.88 21.60
N PHE A 124 7.99 10.62 21.35
CA PHE A 124 8.48 9.25 21.52
C PHE A 124 10.00 9.18 21.55
N LEU A 135 6.43 14.06 16.41
CA LEU A 135 5.63 13.98 15.19
C LEU A 135 4.27 14.65 15.36
N SER A 136 3.87 15.35 14.33
CA SER A 136 2.62 16.10 14.28
C SER A 136 2.30 16.29 12.81
N PRO A 137 1.11 16.70 12.46
CA PRO A 137 0.78 16.93 11.06
C PRO A 137 1.86 17.77 10.37
N GLU A 138 2.23 18.88 11.01
CA GLU A 138 3.16 19.78 10.32
C GLU A 138 4.54 19.17 10.13
N ARG A 139 5.10 18.56 11.14
CA ARG A 139 6.41 17.94 11.14
C ARG A 139 6.38 16.73 10.21
N SER A 140 5.27 15.99 10.21
CA SER A 140 5.19 14.84 9.32
C SER A 140 5.26 15.24 7.87
N ILE A 141 4.53 16.30 7.54
CA ILE A 141 4.55 16.83 6.17
C ILE A 141 5.93 17.39 5.84
N GLU A 142 6.54 18.03 6.82
CA GLU A 142 7.91 18.55 6.58
C GLU A 142 8.90 17.43 6.28
N ILE A 143 8.86 16.37 7.11
CA ILE A 143 9.73 15.23 6.92
C ILE A 143 9.51 14.64 5.54
N GLN A 144 8.23 14.45 5.16
CA GLN A 144 7.98 13.87 3.84
C GLN A 144 8.47 14.81 2.74
N HIS A 145 8.41 16.10 2.97
CA HIS A 145 8.95 17.05 1.99
C HIS A 145 10.46 16.89 1.87
N LEU A 146 11.16 16.80 2.99
CA LEU A 146 12.61 16.64 2.98
C LEU A 146 13.03 15.35 2.30
N LEU A 147 12.20 14.34 2.48
CA LEU A 147 12.47 13.06 1.82
C LEU A 147 12.22 13.16 0.32
N GLY A 148 11.35 14.06 -0.10
CA GLY A 148 11.08 14.33 -1.50
C GLY A 148 10.11 13.38 -2.14
N SER A 149 9.25 12.78 -1.32
CA SER A 149 8.27 11.81 -1.86
C SER A 149 7.22 12.44 -2.77
N ASP A 150 6.72 11.64 -3.71
CA ASP A 150 5.71 12.10 -4.65
C ASP A 150 4.29 11.99 -4.13
N ILE A 151 3.99 10.93 -3.39
CA ILE A 151 2.70 10.82 -2.73
C ILE A 151 2.90 10.85 -1.21
N VAL A 152 2.32 11.85 -0.59
CA VAL A 152 2.41 12.16 0.82
C VAL A 152 1.14 11.78 1.54
N MET A 153 1.30 11.12 2.68
CA MET A 153 0.12 10.75 3.44
C MET A 153 -0.14 11.75 4.56
N ALA A 154 -1.40 12.10 4.76
CA ALA A 154 -1.78 12.91 5.91
C ALA A 154 -1.36 12.21 7.21
N PHE A 155 -1.07 12.99 8.24
CA PHE A 155 -0.77 12.43 9.55
C PHE A 155 -2.08 12.10 10.26
N ASP A 156 -2.28 10.84 10.60
CA ASP A 156 -3.50 10.34 11.18
C ASP A 156 -3.21 9.55 12.46
N GLU A 157 -4.29 9.12 13.09
CA GLU A 157 -4.23 8.13 14.17
C GLU A 157 -4.85 6.82 13.72
N CYS A 158 -4.10 5.72 13.62
CA CYS A 158 -4.63 4.41 13.27
C CYS A 158 -5.28 3.80 14.51
N THR A 159 -6.60 3.90 14.57
CA THR A 159 -7.38 3.47 15.73
C THR A 159 -7.21 2.00 16.07
N PRO A 160 -6.93 1.66 17.32
CA PRO A 160 -6.77 0.25 17.69
C PRO A 160 -8.05 -0.55 17.51
N TYR A 161 -7.85 -1.86 17.36
CA TYR A 161 -8.96 -2.79 17.20
C TYR A 161 -8.86 -3.86 18.28
N PRO A 162 -9.96 -4.15 18.96
CA PRO A 162 -11.26 -3.50 18.81
C PRO A 162 -11.30 -2.13 19.51
N ALA A 163 -12.28 -1.34 19.11
CA ALA A 163 -12.57 -0.01 19.63
C ALA A 163 -14.06 0.15 19.92
N THR A 164 -14.36 0.81 21.04
CA THR A 164 -15.77 1.12 21.24
C THR A 164 -16.16 2.29 20.35
N PRO A 165 -17.46 2.44 20.10
CA PRO A 165 -17.94 3.56 19.30
C PRO A 165 -17.39 4.89 19.77
N SER A 166 -17.36 5.12 21.09
CA SER A 166 -16.98 6.45 21.57
C SER A 166 -15.53 6.76 21.27
N ARG A 167 -14.64 5.79 21.45
CA ARG A 167 -13.21 5.85 21.29
C ARG A 167 -12.87 5.96 19.81
N ALA A 168 -13.55 5.11 19.04
CA ALA A 168 -13.35 5.19 17.59
C ALA A 168 -13.69 6.59 17.10
N ALA A 169 -14.80 7.15 17.61
CA ALA A 169 -15.24 8.47 17.18
C ALA A 169 -14.26 9.55 17.64
N SER A 170 -13.83 9.53 18.90
CA SER A 170 -12.90 10.56 19.36
C SER A 170 -11.63 10.56 18.52
N SER A 171 -11.23 9.33 18.22
CA SER A 171 -10.01 9.13 17.47
C SER A 171 -10.13 9.62 16.03
N MET A 172 -11.24 9.24 15.41
CA MET A 172 -11.48 9.67 14.02
C MET A 172 -11.59 11.20 13.96
N GLU A 173 -12.25 11.79 14.95
CA GLU A 173 -12.41 13.24 15.02
C GLU A 173 -11.05 13.93 15.08
N ARG A 174 -10.11 13.43 15.87
CA ARG A 174 -8.77 14.03 15.94
C ARG A 174 -8.07 13.86 14.59
N SER A 175 -8.18 12.66 14.03
CA SER A 175 -7.59 12.42 12.72
C SER A 175 -8.13 13.40 11.68
N MET A 176 -9.42 13.71 11.70
CA MET A 176 -9.89 14.68 10.70
C MET A 176 -9.37 16.08 10.94
N ARG A 177 -9.19 16.50 12.18
CA ARG A 177 -8.52 17.77 12.46
C ARG A 177 -7.07 17.77 12.04
N TRP A 178 -6.35 16.68 12.26
CA TRP A 178 -4.98 16.52 11.78
C TRP A 178 -4.95 16.48 10.26
N ALA A 179 -6.02 15.97 9.63
CA ALA A 179 -6.05 15.92 8.17
C ALA A 179 -6.06 17.33 7.59
N LYS A 180 -6.83 18.22 8.19
CA LYS A 180 -6.90 19.62 7.79
C LYS A 180 -5.56 20.28 8.05
N ARG A 181 -4.95 20.03 9.22
CA ARG A 181 -3.60 20.53 9.48
C ARG A 181 -2.58 20.02 8.47
N SER A 182 -2.72 18.76 8.05
CA SER A 182 -1.85 18.19 7.04
C SER A 182 -1.99 18.90 5.68
N ARG A 183 -3.23 19.10 5.26
CA ARG A 183 -3.50 19.82 4.03
C ARG A 183 -2.85 21.22 4.03
N ASP A 184 -3.02 21.97 5.12
CA ASP A 184 -2.50 23.33 5.21
C ASP A 184 -0.97 23.36 5.18
N ALA A 185 -0.35 22.41 5.90
CA ALA A 185 1.10 22.33 5.90
C ALA A 185 1.63 21.98 4.51
N PHE A 186 0.95 21.02 3.86
CA PHE A 186 1.36 20.65 2.50
C PHE A 186 1.29 21.84 1.55
N ASP A 187 0.18 22.56 1.60
CA ASP A 187 -0.10 23.67 0.71
C ASP A 187 0.83 24.87 0.94
N SER A 188 1.41 24.94 2.13
CA SER A 188 2.27 26.08 2.43
CA SER A 188 2.29 26.04 2.49
C SER A 188 3.69 25.88 1.92
N ARG A 189 4.02 24.69 1.44
CA ARG A 189 5.33 24.43 0.86
CA ARG A 189 5.32 24.39 0.86
C ARG A 189 5.23 24.34 -0.66
N LYS A 190 5.64 25.41 -1.34
CA LYS A 190 5.49 25.55 -2.78
C LYS A 190 5.96 24.34 -3.57
N GLU A 191 7.17 23.87 -3.31
CA GLU A 191 7.74 22.77 -4.10
C GLU A 191 6.88 21.53 -3.94
N GLN A 192 6.37 21.39 -2.72
CA GLN A 192 5.53 20.22 -2.43
C GLN A 192 4.18 20.36 -3.12
N ALA A 193 3.50 21.48 -2.85
CA ALA A 193 2.20 21.76 -3.43
C ALA A 193 2.20 21.61 -4.95
N GLU A 194 3.28 22.01 -5.61
CA GLU A 194 3.28 22.00 -7.06
C GLU A 194 3.76 20.70 -7.67
N ASN A 195 4.47 19.85 -6.93
CA ASN A 195 5.07 18.68 -7.54
C ASN A 195 4.64 17.33 -6.93
N ALA A 196 4.10 17.36 -5.73
CA ALA A 196 3.68 16.16 -5.01
C ALA A 196 2.15 16.12 -4.97
N ALA A 197 1.62 15.06 -4.42
CA ALA A 197 0.20 14.87 -4.18
C ALA A 197 -0.02 14.50 -2.72
N LEU A 198 -1.18 14.77 -2.17
CA LEU A 198 -1.51 14.49 -0.79
C LEU A 198 -2.76 13.62 -0.69
N PHE A 199 -2.69 12.51 0.03
CA PHE A 199 -3.85 11.65 0.27
C PHE A 199 -4.33 11.81 1.71
N GLY A 200 -5.64 11.85 1.89
CA GLY A 200 -6.25 11.86 3.20
C GLY A 200 -6.59 10.42 3.59
N ILE A 201 -6.72 10.15 4.88
CA ILE A 201 -6.95 8.79 5.35
C ILE A 201 -8.22 8.68 6.19
N GLN A 202 -9.16 7.89 5.71
CA GLN A 202 -10.39 7.59 6.43
C GLN A 202 -10.13 6.67 7.63
N GLN A 203 -10.67 6.96 8.80
CA GLN A 203 -10.78 6.23 10.04
C GLN A 203 -12.25 6.01 10.41
N GLY A 204 -12.53 5.60 11.63
CA GLY A 204 -13.88 5.25 12.02
C GLY A 204 -14.03 3.80 12.43
N SER A 205 -12.93 3.07 12.53
N SER A 205 -12.93 3.06 12.46
CA SER A 205 -12.99 1.67 12.94
CA SER A 205 -12.92 1.63 12.69
C SER A 205 -13.92 0.88 12.03
C SER A 205 -14.00 0.91 11.92
N VAL A 206 -14.80 0.06 12.58
CA VAL A 206 -15.72 -0.76 11.82
C VAL A 206 -17.12 -0.16 11.79
N PHE A 207 -17.24 1.12 12.16
CA PHE A 207 -18.57 1.70 12.28
C PHE A 207 -18.94 2.52 11.06
N GLU A 208 -20.06 2.14 10.45
CA GLU A 208 -20.51 2.78 9.24
C GLU A 208 -20.68 4.27 9.41
N ASN A 209 -21.33 4.68 10.51
CA ASN A 209 -21.62 6.10 10.64
C ASN A 209 -20.35 6.92 10.82
N LEU A 210 -19.35 6.36 11.46
CA LEU A 210 -18.08 7.09 11.62
C LEU A 210 -17.30 7.12 10.32
N ARG A 211 -17.33 6.04 9.57
CA ARG A 211 -16.70 6.01 8.25
C ARG A 211 -17.31 7.07 7.35
N GLN A 212 -18.63 7.23 7.44
CA GLN A 212 -19.32 8.25 6.66
C GLN A 212 -18.87 9.64 7.07
N GLN A 213 -18.86 9.90 8.38
CA GLN A 213 -18.46 11.23 8.85
C GLN A 213 -17.04 11.54 8.42
N SER A 214 -16.19 10.52 8.51
CA SER A 214 -14.81 10.72 8.11
C SER A 214 -14.65 10.99 6.61
N ALA A 215 -15.34 10.23 5.77
CA ALA A 215 -15.33 10.44 4.33
C ALA A 215 -15.79 11.86 4.02
N ASP A 216 -16.86 12.30 4.67
CA ASP A 216 -17.40 13.64 4.46
C ASP A 216 -16.37 14.74 4.77
N ALA A 217 -15.72 14.58 5.90
CA ALA A 217 -14.72 15.52 6.38
C ALA A 217 -13.57 15.59 5.38
N LEU A 218 -13.13 14.41 4.96
CA LEU A 218 -12.01 14.38 4.02
C LEU A 218 -12.37 15.02 2.68
N ALA A 219 -13.57 14.72 2.20
CA ALA A 219 -13.99 15.28 0.90
C ALA A 219 -14.16 16.79 1.01
N GLU A 220 -14.56 17.29 2.17
CA GLU A 220 -14.72 18.74 2.36
C GLU A 220 -13.36 19.44 2.35
N ILE A 221 -12.33 18.82 2.92
CA ILE A 221 -10.98 19.38 2.86
C ILE A 221 -10.46 19.32 1.44
N GLY A 222 -10.56 18.12 0.86
CA GLY A 222 -10.17 17.91 -0.52
C GLY A 222 -8.76 17.35 -0.58
N PHE A 223 -8.61 16.19 -1.19
CA PHE A 223 -7.33 15.52 -1.35
C PHE A 223 -7.18 14.95 -2.75
N ASP A 224 -5.92 14.57 -3.09
CA ASP A 224 -5.69 13.99 -4.41
C ASP A 224 -6.15 12.53 -4.50
N GLY A 225 -6.16 11.85 -3.38
CA GLY A 225 -6.57 10.46 -3.21
C GLY A 225 -6.98 10.22 -1.76
N TYR A 226 -7.63 9.09 -1.54
CA TYR A 226 -8.29 8.75 -0.28
C TYR A 226 -7.88 7.33 0.08
N ALA A 227 -7.26 7.21 1.23
CA ALA A 227 -6.87 5.93 1.81
C ALA A 227 -7.95 5.47 2.78
N VAL A 228 -8.09 4.17 2.83
CA VAL A 228 -8.88 3.51 3.85
C VAL A 228 -7.90 3.02 4.92
N GLY A 229 -7.87 3.75 6.00
CA GLY A 229 -7.12 3.50 7.19
C GLY A 229 -7.85 2.66 8.21
N GLY A 230 -7.07 2.23 9.21
CA GLY A 230 -7.70 1.60 10.34
C GLY A 230 -8.09 0.15 10.14
N LEU A 231 -7.68 -0.48 9.05
CA LEU A 231 -7.95 -1.89 8.81
C LEU A 231 -6.68 -2.71 8.76
N ALA A 232 -6.78 -4.02 8.59
CA ALA A 232 -5.58 -4.85 8.71
C ALA A 232 -4.89 -4.62 10.06
N VAL A 233 -5.69 -4.53 11.10
CA VAL A 233 -5.24 -4.38 12.48
C VAL A 233 -5.78 -5.47 13.41
N GLY A 234 -6.10 -6.62 12.82
CA GLY A 234 -6.46 -7.82 13.51
C GLY A 234 -7.92 -8.19 13.45
N GLU A 235 -8.73 -7.46 12.70
CA GLU A 235 -10.15 -7.76 12.59
C GLU A 235 -10.49 -8.99 11.76
N GLY A 236 -9.59 -9.48 10.92
CA GLY A 236 -9.91 -10.65 10.09
C GLY A 236 -10.49 -10.25 8.75
N GLN A 237 -10.32 -11.08 7.74
CA GLN A 237 -10.77 -10.76 6.39
C GLN A 237 -12.27 -10.57 6.29
N ASP A 238 -13.12 -11.36 6.94
CA ASP A 238 -14.56 -11.18 6.76
C ASP A 238 -15.02 -9.80 7.22
N GLU A 239 -14.50 -9.38 8.38
CA GLU A 239 -14.82 -8.07 8.93
C GLU A 239 -14.22 -6.96 8.07
N MET A 240 -13.00 -7.18 7.58
CA MET A 240 -12.43 -6.13 6.73
C MET A 240 -13.28 -5.93 5.50
N PHE A 241 -13.71 -7.02 4.84
CA PHE A 241 -14.49 -6.92 3.62
C PHE A 241 -15.86 -6.29 3.91
N ARG A 242 -16.43 -6.64 5.06
CA ARG A 242 -17.69 -6.03 5.49
C ARG A 242 -17.53 -4.52 5.61
N VAL A 243 -16.44 -4.06 6.20
CA VAL A 243 -16.26 -2.60 6.35
C VAL A 243 -16.00 -1.95 5.01
N LEU A 244 -15.17 -2.60 4.18
CA LEU A 244 -14.94 -2.11 2.83
C LEU A 244 -16.21 -2.03 1.99
N ASP A 245 -17.12 -3.00 2.13
CA ASP A 245 -18.37 -2.95 1.37
C ASP A 245 -19.10 -1.63 1.51
N PHE A 246 -19.21 -1.07 2.71
CA PHE A 246 -19.86 0.21 2.83
C PHE A 246 -18.91 1.41 2.81
N SER A 247 -17.64 1.21 3.15
CA SER A 247 -16.74 2.34 3.29
C SER A 247 -16.21 2.88 1.96
N VAL A 248 -15.85 2.02 1.02
CA VAL A 248 -15.27 2.53 -0.22
C VAL A 248 -16.25 3.35 -1.04
N PRO A 249 -17.53 3.03 -1.19
CA PRO A 249 -18.44 3.90 -1.93
C PRO A 249 -18.64 5.28 -1.32
N MET A 250 -18.26 5.47 -0.07
CA MET A 250 -18.35 6.78 0.56
C MET A 250 -17.28 7.75 0.07
N LEU A 251 -16.20 7.21 -0.48
CA LEU A 251 -15.11 8.05 -0.97
C LEU A 251 -15.44 8.56 -2.37
N PRO A 252 -14.87 9.68 -2.75
CA PRO A 252 -15.07 10.19 -4.12
C PRO A 252 -14.72 9.11 -5.12
N ASP A 253 -15.65 8.80 -6.01
CA ASP A 253 -15.40 7.77 -7.01
C ASP A 253 -14.27 8.11 -7.97
N ASP A 254 -14.07 9.39 -8.27
CA ASP A 254 -13.16 9.86 -9.29
C ASP A 254 -11.72 10.06 -8.83
N LYS A 255 -11.43 9.63 -7.59
CA LYS A 255 -10.10 9.65 -7.04
C LYS A 255 -9.66 8.24 -6.62
N PRO A 256 -8.36 8.01 -6.58
CA PRO A 256 -7.83 6.71 -6.17
C PRO A 256 -8.15 6.42 -4.71
N HIS A 257 -8.35 5.14 -4.46
CA HIS A 257 -8.67 4.55 -3.18
C HIS A 257 -7.53 3.63 -2.74
N TYR A 258 -6.89 3.96 -1.64
CA TYR A 258 -5.73 3.18 -1.18
C TYR A 258 -6.07 2.45 0.11
N LEU A 259 -5.90 1.12 0.10
CA LEU A 259 -6.09 0.33 1.31
C LEU A 259 -4.74 0.06 1.99
N MET A 260 -4.54 0.74 3.13
CA MET A 260 -3.20 0.71 3.72
C MET A 260 -2.92 -0.60 4.45
N GLY A 261 -1.78 -1.19 4.15
CA GLY A 261 -1.31 -2.38 4.81
C GLY A 261 -1.81 -3.69 4.28
N VAL A 262 -2.57 -3.70 3.18
CA VAL A 262 -3.16 -4.94 2.67
C VAL A 262 -2.43 -5.33 1.41
N GLY A 263 -2.04 -6.58 1.23
CA GLY A 263 -2.23 -7.68 2.14
C GLY A 263 -1.87 -8.98 1.44
N LYS A 264 -2.48 -10.06 1.90
CA LYS A 264 -2.35 -11.36 1.26
C LYS A 264 -2.97 -11.31 -0.12
N PRO A 265 -2.54 -12.15 -1.05
CA PRO A 265 -3.10 -12.14 -2.41
C PRO A 265 -4.62 -12.18 -2.44
N ASP A 266 -5.24 -12.99 -1.60
CA ASP A 266 -6.69 -13.09 -1.61
C ASP A 266 -7.38 -11.86 -1.01
N ASP A 267 -6.70 -11.17 -0.11
CA ASP A 267 -7.16 -9.91 0.44
C ASP A 267 -7.19 -8.84 -0.65
N ILE A 268 -6.13 -8.79 -1.43
CA ILE A 268 -6.05 -7.85 -2.56
C ILE A 268 -7.16 -8.13 -3.57
N VAL A 269 -7.35 -9.38 -4.00
CA VAL A 269 -8.41 -9.63 -4.98
C VAL A 269 -9.77 -9.20 -4.45
N GLY A 270 -10.06 -9.52 -3.19
CA GLY A 270 -11.33 -9.11 -2.60
C GLY A 270 -11.50 -7.62 -2.47
N ALA A 271 -10.40 -6.92 -2.15
CA ALA A 271 -10.45 -5.47 -1.98
C ALA A 271 -10.64 -4.79 -3.32
N VAL A 272 -9.99 -5.31 -4.37
CA VAL A 272 -10.22 -4.74 -5.71
C VAL A 272 -11.69 -4.93 -6.08
N GLU A 273 -12.29 -6.08 -5.74
CA GLU A 273 -13.71 -6.33 -5.97
C GLU A 273 -14.60 -5.30 -5.30
N ARG A 274 -14.05 -4.63 -4.29
CA ARG A 274 -14.77 -3.66 -3.48
C ARG A 274 -14.34 -2.22 -3.75
N GLY A 275 -13.57 -1.99 -4.82
CA GLY A 275 -13.26 -0.67 -5.32
C GLY A 275 -11.92 -0.08 -4.94
N ILE A 276 -11.01 -0.88 -4.43
CA ILE A 276 -9.67 -0.39 -4.06
C ILE A 276 -8.71 -0.40 -5.24
N ASP A 277 -7.87 0.63 -5.35
CA ASP A 277 -6.97 0.86 -6.47
C ASP A 277 -5.50 0.72 -6.10
N MET A 278 -5.15 0.79 -4.83
CA MET A 278 -3.75 0.79 -4.42
C MET A 278 -3.56 0.02 -3.12
N PHE A 279 -2.44 -0.67 -3.06
CA PHE A 279 -2.06 -1.54 -1.97
C PHE A 279 -0.59 -1.41 -1.57
N ASP A 280 -0.31 -1.59 -0.28
CA ASP A 280 1.05 -1.79 0.22
C ASP A 280 1.02 -2.84 1.33
N CYS A 281 2.12 -3.58 1.48
CA CYS A 281 2.26 -4.48 2.63
CA CYS A 281 2.22 -4.60 2.53
C CYS A 281 3.63 -5.13 2.61
N VAL A 282 4.21 -5.42 3.78
CA VAL A 282 5.59 -5.92 3.74
C VAL A 282 5.62 -7.43 3.53
N LEU A 283 4.48 -8.09 3.56
CA LEU A 283 4.40 -9.55 3.42
C LEU A 283 5.31 -10.16 2.37
N PRO A 284 5.37 -9.66 1.14
CA PRO A 284 6.26 -10.27 0.14
C PRO A 284 7.71 -10.38 0.61
N THR A 285 8.14 -9.31 1.26
CA THR A 285 9.54 -9.15 1.68
C THR A 285 9.78 -9.82 3.03
N ARG A 286 8.80 -9.76 3.94
CA ARG A 286 8.97 -10.52 5.18
C ARG A 286 8.97 -12.02 4.88
N SER A 287 7.91 -12.43 4.19
CA SER A 287 7.75 -13.82 3.76
C SER A 287 9.03 -14.34 3.11
N GLY A 288 9.59 -13.53 2.21
CA GLY A 288 10.81 -13.90 1.52
C GLY A 288 11.92 -14.24 2.50
N ARG A 289 12.02 -13.41 3.54
CA ARG A 289 13.03 -13.56 4.56
C ARG A 289 12.69 -14.66 5.57
N ASN A 290 11.53 -15.29 5.47
CA ASN A 290 11.18 -16.35 6.41
C ASN A 290 10.85 -17.69 5.75
N GLY A 291 11.23 -17.93 4.50
CA GLY A 291 10.97 -19.24 3.91
C GLY A 291 9.69 -19.41 3.14
N GLN A 292 8.79 -18.42 3.16
CA GLN A 292 7.51 -18.61 2.49
C GLN A 292 7.45 -17.95 1.12
N ALA A 293 7.01 -18.66 0.11
CA ALA A 293 6.85 -18.22 -1.26
C ALA A 293 5.39 -18.25 -1.68
N PHE A 294 4.97 -17.20 -2.37
CA PHE A 294 3.63 -17.18 -2.94
C PHE A 294 3.61 -17.88 -4.29
N THR A 295 2.57 -18.70 -4.50
CA THR A 295 2.36 -19.36 -5.79
C THR A 295 0.86 -19.30 -6.11
N TRP A 296 0.47 -19.58 -7.34
CA TRP A 296 -0.95 -19.59 -7.70
C TRP A 296 -1.69 -20.73 -7.02
N ASP A 297 -0.93 -21.67 -6.48
CA ASP A 297 -1.48 -22.78 -5.72
C ASP A 297 -1.44 -22.51 -4.22
N GLY A 298 -1.23 -21.26 -3.83
CA GLY A 298 -1.12 -20.96 -2.43
C GLY A 298 0.31 -20.79 -1.99
N PRO A 299 0.51 -20.32 -0.77
CA PRO A 299 1.89 -20.12 -0.30
C PRO A 299 2.48 -21.48 0.07
N ILE A 300 3.79 -21.57 -0.01
CA ILE A 300 4.52 -22.79 0.31
C ILE A 300 5.64 -22.43 1.28
N ASN A 301 6.05 -23.29 2.22
CA ASN A 301 7.23 -23.03 3.01
C ASN A 301 8.39 -23.85 2.41
N ILE A 302 9.24 -23.15 1.71
CA ILE A 302 10.26 -23.83 0.91
C ILE A 302 11.24 -24.63 1.75
N ARG A 303 11.36 -24.34 3.04
CA ARG A 303 12.29 -25.09 3.89
C ARG A 303 11.79 -26.50 4.18
N ASN A 304 10.50 -26.74 3.95
CA ASN A 304 9.96 -28.05 4.23
C ASN A 304 10.65 -29.12 3.40
N ALA A 305 10.85 -30.29 4.02
CA ALA A 305 11.65 -31.33 3.40
C ALA A 305 11.02 -31.85 2.11
N ARG A 306 9.72 -31.67 1.94
CA ARG A 306 9.00 -32.00 0.74
C ARG A 306 9.56 -31.32 -0.51
N PHE A 307 10.31 -30.23 -0.38
CA PHE A 307 10.84 -29.52 -1.54
C PHE A 307 12.25 -29.92 -1.89
N SER A 308 12.87 -30.83 -1.12
CA SER A 308 14.29 -31.06 -1.22
C SER A 308 14.66 -31.70 -2.55
N GLU A 309 13.69 -32.34 -3.20
CA GLU A 309 13.97 -32.97 -4.50
C GLU A 309 13.04 -32.49 -5.59
N ASP A 310 12.39 -31.36 -5.34
CA ASP A 310 11.42 -30.80 -6.25
C ASP A 310 12.10 -29.92 -7.29
N LEU A 311 12.13 -30.43 -8.51
CA LEU A 311 12.80 -29.71 -9.59
C LEU A 311 11.91 -28.67 -10.27
N LYS A 312 10.67 -28.51 -9.84
CA LYS A 312 9.84 -27.48 -10.46
C LYS A 312 10.31 -26.12 -9.99
N PRO A 313 10.09 -25.07 -10.75
CA PRO A 313 10.38 -23.71 -10.25
C PRO A 313 9.42 -23.36 -9.13
N LEU A 314 9.65 -22.30 -8.38
CA LEU A 314 8.78 -21.94 -7.25
C LEU A 314 7.31 -21.92 -7.63
N ASP A 315 7.05 -21.27 -8.77
CA ASP A 315 5.67 -21.32 -9.26
C ASP A 315 5.64 -21.76 -10.73
N GLU A 317 4.26 -21.25 -13.68
CA GLU A 317 3.54 -20.13 -14.29
C GLU A 317 4.32 -18.82 -14.20
N CYS A 318 4.89 -18.53 -13.03
CA CYS A 318 5.60 -17.30 -12.76
C CYS A 318 6.63 -16.99 -13.84
N HIS A 319 6.58 -15.78 -14.39
CA HIS A 319 7.59 -15.43 -15.39
C HIS A 319 8.86 -14.91 -14.77
N CYS A 320 9.00 -14.89 -13.44
CA CYS A 320 10.16 -14.19 -12.87
C CYS A 320 11.50 -14.87 -13.15
N ALA A 321 12.57 -14.10 -12.98
CA ALA A 321 13.92 -14.55 -13.32
C ALA A 321 14.39 -15.72 -12.46
N VAL A 322 13.93 -15.69 -11.20
CA VAL A 322 14.23 -16.80 -10.33
C VAL A 322 13.59 -18.04 -10.94
N CYS A 323 12.34 -17.85 -11.38
CA CYS A 323 11.59 -19.02 -11.83
C CYS A 323 12.08 -19.42 -13.22
N GLN A 324 12.75 -18.50 -13.91
CA GLN A 324 13.37 -18.82 -15.19
C GLN A 324 14.56 -19.76 -15.08
N LYS A 325 15.21 -19.81 -13.93
CA LYS A 325 16.48 -20.49 -13.81
C LYS A 325 16.63 -21.47 -12.67
N TRP A 326 15.84 -21.37 -11.59
CA TRP A 326 16.14 -22.24 -10.46
C TRP A 326 14.92 -22.99 -9.92
N SER A 327 15.23 -24.17 -9.36
CA SER A 327 14.30 -25.13 -8.82
C SER A 327 14.00 -24.85 -7.35
N ARG A 328 12.84 -25.34 -6.93
CA ARG A 328 12.49 -25.33 -5.52
C ARG A 328 13.57 -26.01 -4.68
N ALA A 329 14.12 -27.09 -5.25
CA ALA A 329 15.10 -27.91 -4.56
C ALA A 329 16.34 -27.09 -4.25
N TYR A 330 16.76 -26.30 -5.25
CA TYR A 330 17.97 -25.50 -5.00
C TYR A 330 17.72 -24.35 -4.07
N ILE A 331 16.58 -23.66 -4.19
CA ILE A 331 16.33 -22.58 -3.24
C ILE A 331 16.11 -23.11 -1.82
N HIS A 332 15.42 -24.23 -1.70
CA HIS A 332 15.35 -24.98 -0.44
C HIS A 332 16.74 -25.18 0.15
N HIS A 333 17.66 -25.71 -0.67
CA HIS A 333 19.04 -25.91 -0.24
C HIS A 333 19.69 -24.64 0.26
N LEU A 334 19.61 -23.54 -0.47
CA LEU A 334 20.26 -22.30 -0.09
C LEU A 334 19.73 -21.74 1.22
N ILE A 335 18.40 -21.86 1.39
CA ILE A 335 17.81 -21.32 2.60
C ILE A 335 18.16 -22.19 3.80
N ARG A 336 18.13 -23.51 3.58
CA ARG A 336 18.49 -24.37 4.70
C ARG A 336 19.95 -24.14 5.07
N ALA A 337 20.73 -23.73 4.08
CA ALA A 337 22.16 -23.51 4.29
C ALA A 337 22.45 -22.17 4.95
N GLY A 338 21.42 -21.34 5.07
CA GLY A 338 21.59 -19.99 5.60
C GLY A 338 22.20 -19.05 4.60
N GLU A 339 22.15 -19.34 3.30
CA GLU A 339 22.75 -18.43 2.32
C GLU A 339 21.85 -17.26 1.95
N ILE A 340 22.47 -16.09 1.89
CA ILE A 340 21.80 -14.83 1.59
C ILE A 340 21.14 -14.89 0.23
N LEU A 341 21.80 -15.54 -0.72
CA LEU A 341 21.24 -15.71 -2.05
C LEU A 341 19.84 -16.30 -1.97
N GLY A 342 19.63 -17.28 -1.10
CA GLY A 342 18.33 -17.95 -1.02
C GLY A 342 17.24 -16.93 -0.68
N ALA A 343 17.48 -16.21 0.40
CA ALA A 343 16.60 -15.16 0.89
C ALA A 343 16.29 -14.14 -0.21
N MET A 344 17.33 -13.80 -0.93
CA MET A 344 17.30 -12.92 -2.08
C MET A 344 16.40 -13.44 -3.19
N LEU A 345 16.57 -14.70 -3.55
CA LEU A 345 15.82 -15.28 -4.65
C LEU A 345 14.34 -15.35 -4.28
N MET A 346 14.09 -15.68 -3.01
CA MET A 346 12.73 -15.85 -2.53
C MET A 346 12.00 -14.51 -2.59
N THR A 347 12.71 -13.46 -2.16
CA THR A 347 12.10 -12.11 -2.10
C THR A 347 11.79 -11.64 -3.52
N GLU A 348 12.77 -11.81 -4.40
CA GLU A 348 12.59 -11.43 -5.79
C GLU A 348 11.38 -12.14 -6.39
N HIS A 349 11.27 -13.43 -6.07
CA HIS A 349 10.11 -14.17 -6.55
C HIS A 349 8.81 -13.57 -6.01
N ASN A 350 8.75 -13.26 -4.71
CA ASN A 350 7.47 -12.84 -4.13
C ASN A 350 7.05 -11.48 -4.66
N ILE A 351 8.04 -10.60 -4.81
CA ILE A 351 7.77 -9.28 -5.40
C ILE A 351 7.20 -9.37 -6.79
N ALA A 352 7.80 -10.27 -7.57
CA ALA A 352 7.37 -10.48 -8.94
C ALA A 352 6.02 -11.15 -9.00
N PHE A 353 5.78 -12.08 -8.09
CA PHE A 353 4.47 -12.72 -8.03
C PHE A 353 3.41 -11.64 -7.81
N TYR A 354 3.64 -10.76 -6.83
CA TYR A 354 2.65 -9.72 -6.53
C TYR A 354 2.43 -8.85 -7.76
N GLN A 355 3.50 -8.48 -8.47
CA GLN A 355 3.25 -7.64 -9.65
C GLN A 355 2.53 -8.41 -10.75
N GLN A 356 2.79 -9.72 -10.89
CA GLN A 356 2.04 -10.51 -11.88
C GLN A 356 0.56 -10.61 -11.54
N LEU A 357 0.24 -10.74 -10.26
CA LEU A 357 -1.12 -10.74 -9.76
C LEU A 357 -1.79 -9.41 -10.11
N MET A 358 -1.10 -8.30 -9.86
CA MET A 358 -1.71 -7.01 -10.18
C MET A 358 -1.91 -6.90 -11.68
N GLN A 359 -0.95 -7.32 -12.48
CA GLN A 359 -1.14 -7.28 -13.94
C GLN A 359 -2.33 -8.13 -14.38
N LYS A 360 -2.52 -9.32 -13.83
CA LYS A 360 -3.66 -10.17 -14.12
C LYS A 360 -4.98 -9.52 -13.76
N ILE A 361 -4.97 -8.85 -12.61
CA ILE A 361 -6.14 -8.10 -12.16
C ILE A 361 -6.43 -6.96 -13.13
N ARG A 362 -5.44 -6.15 -13.51
CA ARG A 362 -5.68 -5.07 -14.44
C ARG A 362 -6.22 -5.58 -15.78
N ASP A 363 -5.59 -6.61 -16.30
CA ASP A 363 -5.99 -7.13 -17.62
C ASP A 363 -7.42 -7.65 -17.59
N SER A 364 -7.73 -8.40 -16.53
CA SER A 364 -9.05 -9.00 -16.42
C SER A 364 -10.13 -7.95 -16.23
N ILE A 365 -9.85 -6.90 -15.45
CA ILE A 365 -10.86 -5.84 -15.41
C ILE A 365 -11.00 -5.17 -16.78
N SER A 366 -9.89 -4.83 -17.43
CA SER A 366 -9.92 -4.22 -18.76
CA SER A 366 -9.93 -4.23 -18.76
C SER A 366 -10.72 -5.06 -19.76
N GLU A 367 -10.63 -6.39 -19.63
CA GLU A 367 -11.26 -7.31 -20.58
C GLU A 367 -12.65 -7.74 -20.17
N GLY A 368 -13.14 -7.22 -19.05
CA GLY A 368 -14.43 -7.59 -18.54
C GLY A 368 -14.50 -9.01 -18.04
N ARG A 369 -13.41 -9.61 -17.57
CA ARG A 369 -13.53 -10.95 -17.00
C ARG A 369 -12.95 -11.01 -15.60
N PHE A 370 -13.06 -9.91 -14.84
CA PHE A 370 -12.44 -9.92 -13.51
C PHE A 370 -13.19 -10.82 -12.56
N SER A 371 -14.51 -10.84 -12.67
CA SER A 371 -15.34 -11.71 -11.85
C SER A 371 -14.93 -13.18 -11.97
N GLN A 372 -14.76 -13.65 -13.20
CA GLN A 372 -14.30 -15.00 -13.45
C GLN A 372 -12.88 -15.26 -12.95
N PHE A 373 -11.98 -14.31 -13.19
CA PHE A 373 -10.61 -14.41 -12.69
C PHE A 373 -10.62 -14.62 -11.17
N ALA A 374 -11.39 -13.81 -10.46
CA ALA A 374 -11.45 -13.89 -8.99
C ALA A 374 -11.87 -15.30 -8.56
N GLN A 375 -12.91 -15.83 -9.22
CA GLN A 375 -13.39 -17.16 -8.84
C GLN A 375 -12.35 -18.21 -9.13
N ASP A 376 -11.72 -18.15 -10.31
CA ASP A 376 -10.69 -19.10 -10.67
C ASP A 376 -9.47 -18.98 -9.77
N PHE A 377 -9.05 -17.74 -9.50
CA PHE A 377 -7.97 -17.51 -8.56
C PHE A 377 -8.19 -18.24 -7.24
N ARG A 378 -9.37 -17.96 -6.70
CA ARG A 378 -9.78 -18.52 -5.43
C ARG A 378 -9.81 -20.05 -5.47
N ALA A 379 -10.33 -20.61 -6.56
CA ALA A 379 -10.44 -22.07 -6.65
C ALA A 379 -9.07 -22.72 -6.50
N ARG A 380 -8.11 -22.12 -7.19
CA ARG A 380 -6.79 -22.74 -7.25
C ARG A 380 -5.95 -22.39 -6.03
N TYR A 381 -5.99 -21.14 -5.59
CA TYR A 381 -5.16 -20.69 -4.48
C TYR A 381 -5.47 -21.40 -3.16
N PHE A 382 -6.75 -21.69 -2.95
CA PHE A 382 -7.14 -22.33 -1.69
C PHE A 382 -7.10 -23.85 -1.82
ZN ZN B . 8.99 -16.67 -9.81
N1 0V2 C . -0.88 3.79 8.11
C1 0V2 C . -1.45 2.57 8.27
C2 0V2 C . -0.69 1.42 7.99
C3 0V2 C . 0.75 1.46 7.45
C4 0V2 C . 0.76 1.16 5.92
N2 0V2 C . 2.09 0.59 5.54
C5 0V2 C . 3.18 1.59 5.77
C6 0V2 C . 4.57 0.94 5.49
C7 0V2 C . 4.81 -0.35 6.33
C8 0V2 C . 6.23 -0.93 6.06
C9 0V2 C . 7.30 0.13 6.45
C24 0V2 C . 7.08 1.37 5.54
C25 0V2 C . 5.70 1.99 5.75
C26 0V2 C . -1.35 0.20 8.19
C27 0V2 C . -2.65 0.13 8.62
N3 0V2 C . -2.93 -1.19 8.68
C28 0V2 C . -1.92 -1.86 8.33
N4 0V2 C . -1.96 -3.18 8.31
C29 0V2 C . -0.76 -4.00 8.30
N5 0V2 C . -0.92 -1.08 8.01
C30 0V2 C . -3.43 1.25 8.90
C40 0V2 C . -2.77 2.48 8.70
C41 0V2 C . -3.44 3.69 8.96
O1 0V2 C . -4.74 3.66 9.39
N6 0V2 C . -2.83 4.86 8.78
C42 0V2 C . -1.55 4.94 8.36
N7 0V2 C . -0.97 6.14 8.20
#